data_3IRB
#
_entry.id   3IRB
#
_cell.length_a   75.170
_cell.length_b   75.170
_cell.length_c   115.400
_cell.angle_alpha   90.000
_cell.angle_beta   90.000
_cell.angle_gamma   90.000
#
_symmetry.space_group_name_H-M   'P 41 2 2'
#
loop_
_entity.id
_entity.type
_entity.pdbx_description
1 polymer 'uncharacterized protein from DUF35 family'
2 non-polymer 'ZINC ION'
3 non-polymer 'SULFATE ION'
4 non-polymer 'ACETIC ACID'
5 water water
#
_entity_poly.entity_id   1
_entity_poly.type   'polypeptide(L)'
_entity_poly.pdbx_seq_one_letter_code
;G(MSE)SWEKSGKEGSLLRWYDV(MSE)EAERYEYTVGPAGEQFFNGLKQNKIIGSKCSKCGRIFVPARSYCEHCFVKIE
NYVEINKDEAYVDSYTIIYNDDEGNKLAQPVYIALIRFPNIEGGLLCYAEGNVKVGAKAKILSFQWPLRVKVD
;
_entity_poly.pdbx_strand_id   A,B
#
# COMPACT_ATOMS: atom_id res chain seq x y z
N LYS A 9 -18.73 -9.53 -12.30
CA LYS A 9 -18.09 -10.77 -12.78
C LYS A 9 -16.69 -10.47 -13.29
N GLU A 10 -15.95 -9.58 -12.62
CA GLU A 10 -14.58 -9.27 -13.05
C GLU A 10 -13.62 -10.41 -12.66
N GLY A 11 -12.64 -10.69 -13.50
CA GLY A 11 -11.76 -11.84 -13.29
C GLY A 11 -10.54 -11.51 -12.48
N SER A 12 -9.65 -12.48 -12.37
CA SER A 12 -8.52 -12.37 -11.50
C SER A 12 -7.47 -11.34 -11.97
N LEU A 13 -7.31 -11.14 -13.29
CA LEU A 13 -6.31 -10.18 -13.76
C LEU A 13 -6.78 -8.75 -13.38
N LEU A 14 -8.06 -8.48 -13.52
CA LEU A 14 -8.54 -7.14 -13.19
C LEU A 14 -8.53 -6.98 -11.68
N ARG A 15 -8.88 -8.03 -10.94
CA ARG A 15 -8.84 -7.96 -9.49
C ARG A 15 -7.44 -7.60 -9.00
N TRP A 16 -6.44 -8.27 -9.56
CA TRP A 16 -5.06 -8.02 -9.13
C TRP A 16 -4.65 -6.59 -9.57
N TYR A 17 -5.08 -6.17 -10.73
CA TYR A 17 -4.82 -4.78 -11.15
C TYR A 17 -5.40 -3.80 -10.10
N ASP A 18 -6.62 -4.06 -9.68
CA ASP A 18 -7.30 -3.20 -8.70
C ASP A 18 -6.56 -3.09 -7.38
N VAL A 19 -6.10 -4.23 -6.85
CA VAL A 19 -5.35 -4.27 -5.62
C VAL A 19 -4.03 -3.50 -5.76
N GLU A 21 -3.36 -1.12 -7.94
CA GLU A 21 -3.68 0.29 -8.06
C GLU A 21 -4.04 0.93 -6.71
N ALA A 22 -4.83 0.26 -5.89
CA ALA A 22 -5.17 0.77 -4.56
C ALA A 22 -3.89 1.07 -3.79
N GLU A 23 -2.92 0.16 -3.88
CA GLU A 23 -1.67 0.31 -3.19
C GLU A 23 -0.80 1.45 -3.67
N ARG A 24 -0.81 1.70 -4.98
CA ARG A 24 -0.10 2.84 -5.51
C ARG A 24 -0.44 4.11 -4.74
N TYR A 25 -1.73 4.36 -4.54
CA TYR A 25 -2.16 5.59 -3.88
C TYR A 25 -1.79 5.60 -2.41
N GLU A 26 -1.86 4.44 -1.76
CA GLU A 26 -1.38 4.35 -0.37
C GLU A 26 0.08 4.73 -0.27
N TYR A 27 0.92 4.16 -1.14
CA TYR A 27 2.36 4.48 -1.17
C TYR A 27 2.66 5.92 -1.57
N THR A 28 1.75 6.55 -2.30
CA THR A 28 2.02 7.89 -2.87
C THR A 28 2.04 8.98 -1.86
N VAL A 29 1.25 8.82 -0.79
CA VAL A 29 1.11 9.85 0.22
C VAL A 29 2.45 10.22 0.86
N GLY A 30 2.70 11.52 0.98
CA GLY A 30 3.84 11.99 1.71
C GLY A 30 5.12 12.12 0.88
N PRO A 31 6.15 12.70 1.49
CA PRO A 31 7.37 13.03 0.74
C PRO A 31 8.14 11.75 0.31
N ALA A 32 8.05 10.67 1.10
CA ALA A 32 8.73 9.42 0.75
C ALA A 32 8.09 8.78 -0.47
N GLY A 33 6.77 8.77 -0.49
CA GLY A 33 5.99 8.41 -1.65
C GLY A 33 6.38 9.16 -2.89
N GLU A 34 6.57 10.47 -2.75
CA GLU A 34 6.98 11.30 -3.86
C GLU A 34 8.38 10.88 -4.36
N GLN A 35 9.32 10.64 -3.44
CA GLN A 35 10.67 10.17 -3.82
C GLN A 35 10.59 8.84 -4.54
N PHE A 36 9.79 7.94 -4.02
CA PHE A 36 9.65 6.63 -4.65
C PHE A 36 9.17 6.74 -6.09
N PHE A 37 8.04 7.41 -6.30
CA PHE A 37 7.45 7.48 -7.65
C PHE A 37 8.28 8.33 -8.61
N ASN A 38 8.91 9.39 -8.10
CA ASN A 38 9.90 10.10 -8.90
C ASN A 38 11.06 9.20 -9.30
N GLY A 39 11.52 8.37 -8.37
CA GLY A 39 12.59 7.40 -8.65
C GLY A 39 12.24 6.45 -9.79
N LEU A 40 11.01 5.95 -9.78
CA LEU A 40 10.54 5.03 -10.84
C LEU A 40 10.62 5.68 -12.23
N LYS A 41 10.29 6.99 -12.29
CA LYS A 41 10.42 7.76 -13.53
C LYS A 41 11.86 7.82 -14.03
N GLN A 42 12.83 7.64 -13.14
CA GLN A 42 14.24 7.60 -13.56
C GLN A 42 14.82 6.18 -13.64
N ASN A 43 13.96 5.16 -13.70
CA ASN A 43 14.38 3.76 -13.64
C ASN A 43 15.19 3.41 -12.39
N LYS A 44 14.78 3.92 -11.24
CA LYS A 44 15.41 3.58 -9.98
C LYS A 44 14.38 3.09 -9.00
N ILE A 45 14.84 2.26 -8.07
CA ILE A 45 14.05 1.80 -6.94
C ILE A 45 14.61 2.53 -5.73
N ILE A 46 13.78 3.38 -5.13
CA ILE A 46 14.20 4.25 -4.01
C ILE A 46 13.55 3.80 -2.71
N GLY A 47 14.40 3.53 -1.74
CA GLY A 47 13.92 3.15 -0.43
C GLY A 47 14.28 4.25 0.55
N SER A 48 13.86 4.08 1.79
CA SER A 48 14.28 4.98 2.84
C SER A 48 14.93 4.20 3.97
N LYS A 49 15.79 4.88 4.72
CA LYS A 49 16.57 4.21 5.75
C LYS A 49 16.41 4.90 7.06
N CYS A 50 15.84 4.20 8.04
CA CYS A 50 15.71 4.74 9.39
C CYS A 50 17.09 4.89 10.02
N SER A 51 17.35 6.08 10.53
CA SER A 51 18.65 6.37 11.11
CA SER A 51 18.66 6.35 11.09
C SER A 51 18.80 5.74 12.48
N LYS A 52 17.66 5.41 13.10
CA LYS A 52 17.70 4.87 14.46
C LYS A 52 17.96 3.37 14.50
N CYS A 53 17.37 2.63 13.56
CA CYS A 53 17.58 1.16 13.53
C CYS A 53 18.28 0.68 12.27
N GLY A 54 18.48 1.58 11.31
CA GLY A 54 19.16 1.21 10.08
C GLY A 54 18.33 0.39 9.10
N ARG A 55 17.08 0.05 9.40
CA ARG A 55 16.23 -0.67 8.44
C ARG A 55 16.03 0.16 7.17
N ILE A 56 16.09 -0.51 6.01
CA ILE A 56 15.80 0.10 4.73
C ILE A 56 14.47 -0.44 4.24
N PHE A 57 13.55 0.46 3.87
CA PHE A 57 12.20 0.10 3.50
C PHE A 57 11.99 0.36 2.03
N VAL A 58 11.30 -0.55 1.36
CA VAL A 58 10.86 -0.34 -0.02
CA VAL A 58 10.85 -0.33 -0.01
C VAL A 58 9.37 -0.71 -0.09
N PRO A 59 8.52 0.13 -0.72
CA PRO A 59 8.80 1.49 -1.20
C PRO A 59 9.21 2.40 -0.04
N ALA A 60 9.91 3.47 -0.36
CA ALA A 60 10.36 4.42 0.65
C ALA A 60 9.21 4.83 1.58
N ARG A 61 9.51 5.01 2.85
CA ARG A 61 8.51 5.48 3.76
C ARG A 61 9.05 6.55 4.69
N SER A 62 8.15 7.35 5.23
CA SER A 62 8.55 8.56 5.92
C SER A 62 8.57 8.36 7.44
N TYR A 63 8.13 7.19 7.90
CA TYR A 63 8.03 6.88 9.34
C TYR A 63 8.46 5.45 9.62
N CYS A 64 9.16 5.25 10.73
CA CYS A 64 9.58 3.91 11.12
C CYS A 64 8.71 3.51 12.32
N GLU A 65 7.82 2.54 12.13
CA GLU A 65 6.93 2.15 13.25
C GLU A 65 7.65 1.28 14.31
N HIS A 66 8.81 0.72 13.96
CA HIS A 66 9.66 0.01 14.93
C HIS A 66 10.24 0.94 15.95
N CYS A 67 10.77 2.09 15.50
CA CYS A 67 11.41 3.07 16.36
C CYS A 67 10.52 4.23 16.79
N PHE A 68 9.37 4.41 16.14
CA PHE A 68 8.48 5.56 16.35
C PHE A 68 9.13 6.91 16.05
N VAL A 69 9.81 6.98 14.90
CA VAL A 69 10.52 8.18 14.48
C VAL A 69 10.37 8.37 12.98
N LYS A 70 10.43 9.64 12.59
CA LYS A 70 10.44 10.05 11.20
C LYS A 70 11.71 9.52 10.48
N ILE A 71 11.56 9.15 9.21
CA ILE A 71 12.68 8.77 8.36
C ILE A 71 12.93 9.88 7.34
N GLU A 72 14.17 10.32 7.25
CA GLU A 72 14.57 11.42 6.34
C GLU A 72 15.53 11.02 5.22
N ASN A 73 16.20 9.88 5.34
CA ASN A 73 17.25 9.53 4.40
C ASN A 73 16.75 8.56 3.32
N TYR A 74 16.99 8.88 2.07
CA TYR A 74 16.56 8.03 0.98
C TYR A 74 17.78 7.37 0.38
N VAL A 75 17.62 6.15 -0.08
CA VAL A 75 18.73 5.36 -0.62
C VAL A 75 18.30 4.65 -1.90
N GLU A 76 19.22 4.56 -2.86
CA GLU A 76 18.95 3.82 -4.08
C GLU A 76 19.21 2.34 -3.82
N ILE A 77 18.21 1.52 -4.10
CA ILE A 77 18.31 0.09 -3.92
C ILE A 77 18.97 -0.53 -5.16
N ASN A 78 19.83 -1.52 -4.96
CA ASN A 78 20.43 -2.24 -6.09
C ASN A 78 19.38 -3.09 -6.81
N LYS A 79 18.97 -2.59 -7.97
CA LYS A 79 17.90 -3.25 -8.71
C LYS A 79 18.34 -4.63 -9.22
N ASP A 80 19.63 -4.80 -9.47
CA ASP A 80 20.15 -6.07 -9.90
C ASP A 80 20.04 -7.19 -8.87
N GLU A 81 19.63 -6.90 -7.64
CA GLU A 81 19.53 -7.94 -6.62
C GLU A 81 18.09 -8.39 -6.32
N ALA A 82 17.14 -7.97 -7.15
CA ALA A 82 15.73 -8.35 -6.98
C ALA A 82 15.55 -9.87 -7.10
N TYR A 83 14.74 -10.44 -6.21
CA TYR A 83 14.40 -11.86 -6.30
C TYR A 83 12.94 -12.13 -6.01
N VAL A 84 12.48 -13.25 -6.50
CA VAL A 84 11.12 -13.67 -6.33
C VAL A 84 11.02 -14.30 -4.92
N ASP A 85 10.17 -13.72 -4.09
CA ASP A 85 9.97 -14.22 -2.73
C ASP A 85 8.85 -15.25 -2.63
N SER A 86 7.82 -15.02 -3.42
CA SER A 86 6.58 -15.85 -3.43
C SER A 86 5.74 -15.35 -4.58
N TYR A 87 4.81 -16.18 -5.02
CA TYR A 87 3.96 -15.81 -6.16
C TYR A 87 2.80 -16.76 -6.28
N THR A 88 1.82 -16.30 -7.05
CA THR A 88 0.81 -17.13 -7.60
C THR A 88 0.83 -16.96 -9.12
N ILE A 89 0.08 -17.82 -9.79
CA ILE A 89 0.13 -17.95 -11.24
C ILE A 89 -1.31 -17.94 -11.71
N ILE A 90 -1.53 -17.27 -12.83
CA ILE A 90 -2.82 -17.17 -13.48
C ILE A 90 -2.66 -17.76 -14.86
N TYR A 91 -3.40 -18.82 -15.15
CA TYR A 91 -3.22 -19.58 -16.37
C TYR A 91 -4.07 -19.07 -17.51
N ASN A 92 -5.17 -18.37 -17.19
CA ASN A 92 -6.14 -17.98 -18.22
C ASN A 92 -6.46 -16.49 -18.09
N ASP A 93 -6.87 -15.85 -19.19
CA ASP A 93 -7.29 -14.47 -19.08
C ASP A 93 -8.69 -14.41 -18.47
N ASP A 94 -9.23 -13.20 -18.31
CA ASP A 94 -10.48 -13.05 -17.59
C ASP A 94 -11.71 -13.55 -18.38
N GLU A 95 -11.54 -13.84 -19.68
CA GLU A 95 -12.59 -14.42 -20.46
C GLU A 95 -12.41 -15.96 -20.54
N GLY A 96 -11.39 -16.51 -19.89
CA GLY A 96 -11.19 -17.98 -19.90
C GLY A 96 -10.21 -18.50 -20.93
N ASN A 97 -9.58 -17.62 -21.70
CA ASN A 97 -8.58 -18.05 -22.69
C ASN A 97 -7.26 -18.48 -22.05
N LYS A 98 -6.71 -19.62 -22.46
CA LYS A 98 -5.41 -20.06 -21.95
C LYS A 98 -4.32 -19.11 -22.43
N LEU A 99 -3.47 -18.68 -21.50
CA LEU A 99 -2.44 -17.75 -21.87
C LEU A 99 -1.23 -18.54 -22.43
N ALA A 100 -0.70 -18.05 -23.56
CA ALA A 100 0.59 -18.49 -24.10
C ALA A 100 1.66 -18.45 -23.01
N GLN A 101 1.73 -17.30 -22.34
CA GLN A 101 2.64 -17.13 -21.22
C GLN A 101 1.76 -16.81 -20.03
N PRO A 102 1.73 -17.71 -19.04
CA PRO A 102 1.02 -17.39 -17.80
C PRO A 102 1.52 -16.10 -17.18
N VAL A 103 0.62 -15.44 -16.46
CA VAL A 103 0.94 -14.23 -15.72
C VAL A 103 1.16 -14.62 -14.28
N TYR A 104 2.24 -14.13 -13.71
CA TYR A 104 2.51 -14.39 -12.31
C TYR A 104 2.30 -13.11 -11.53
N ILE A 105 1.71 -13.22 -10.34
CA ILE A 105 1.65 -12.10 -9.43
C ILE A 105 2.71 -12.47 -8.38
N ALA A 106 3.75 -11.66 -8.26
CA ALA A 106 4.90 -11.98 -7.40
C ALA A 106 5.17 -10.92 -6.37
N LEU A 107 5.64 -11.33 -5.19
CA LEU A 107 6.30 -10.41 -4.26
C LEU A 107 7.77 -10.43 -4.56
N ILE A 108 8.29 -9.31 -4.98
CA ILE A 108 9.68 -9.21 -5.36
C ILE A 108 10.37 -8.49 -4.20
N ARG A 109 11.48 -9.05 -3.74
CA ARG A 109 12.23 -8.47 -2.62
C ARG A 109 13.68 -8.24 -2.98
N PHE A 110 14.38 -7.60 -2.05
CA PHE A 110 15.81 -7.33 -2.21
C PHE A 110 16.46 -7.74 -0.89
N PRO A 111 17.63 -8.38 -0.95
CA PRO A 111 18.31 -8.84 0.27
C PRO A 111 18.51 -7.70 1.30
N ASN A 112 18.12 -7.97 2.54
CA ASN A 112 18.35 -7.09 3.69
C ASN A 112 17.53 -5.81 3.66
N ILE A 113 16.49 -5.80 2.80
CA ILE A 113 15.59 -4.67 2.71
CA ILE A 113 15.58 -4.67 2.65
C ILE A 113 14.20 -5.10 3.13
N GLU A 114 13.57 -4.30 3.99
CA GLU A 114 12.20 -4.57 4.43
CA GLU A 114 12.20 -4.53 4.45
C GLU A 114 11.17 -4.18 3.37
N GLY A 115 10.09 -4.94 3.32
CA GLY A 115 9.01 -4.73 2.35
C GLY A 115 9.40 -5.40 1.05
N GLY A 116 8.87 -4.88 -0.03
CA GLY A 116 8.99 -5.52 -1.32
C GLY A 116 8.04 -4.86 -2.27
N LEU A 117 7.96 -5.40 -3.48
CA LEU A 117 7.15 -4.82 -4.52
C LEU A 117 6.25 -5.91 -5.06
N LEU A 118 4.95 -5.66 -5.06
CA LEU A 118 3.97 -6.54 -5.70
C LEU A 118 4.00 -6.25 -7.19
N CYS A 119 4.40 -7.24 -7.99
CA CYS A 119 4.71 -7.07 -9.38
C CYS A 119 4.06 -8.14 -10.23
N TYR A 120 3.93 -7.82 -11.51
CA TYR A 120 3.74 -8.84 -12.53
C TYR A 120 5.07 -9.45 -12.91
N ALA A 121 5.09 -10.77 -13.06
CA ALA A 121 6.31 -11.50 -13.44
C ALA A 121 5.97 -12.42 -14.60
N GLU A 122 6.91 -12.59 -15.52
CA GLU A 122 6.77 -13.54 -16.61
C GLU A 122 8.11 -14.23 -16.84
N GLY A 123 8.04 -15.42 -17.42
CA GLY A 123 9.18 -16.24 -17.69
C GLY A 123 9.19 -17.55 -16.89
N ASN A 124 10.39 -18.04 -16.64
CA ASN A 124 10.63 -19.29 -15.92
C ASN A 124 10.66 -19.00 -14.43
N VAL A 125 9.54 -18.49 -13.94
CA VAL A 125 9.42 -18.02 -12.57
C VAL A 125 9.51 -19.20 -11.58
N LYS A 126 10.36 -19.06 -10.57
CA LYS A 126 10.34 -19.97 -9.42
C LYS A 126 10.78 -19.17 -8.22
N VAL A 127 10.46 -19.70 -7.04
CA VAL A 127 10.81 -19.01 -5.82
C VAL A 127 12.34 -18.94 -5.71
N GLY A 128 12.83 -17.77 -5.32
CA GLY A 128 14.24 -17.49 -5.17
C GLY A 128 14.96 -16.98 -6.40
N ALA A 129 14.30 -17.05 -7.55
CA ALA A 129 14.93 -16.69 -8.82
C ALA A 129 15.21 -15.20 -8.86
N LYS A 130 16.32 -14.84 -9.50
CA LYS A 130 16.61 -13.43 -9.77
C LYS A 130 15.58 -12.85 -10.76
N ALA A 131 15.10 -11.64 -10.48
CA ALA A 131 14.10 -10.98 -11.33
C ALA A 131 14.74 -9.73 -11.97
N LYS A 132 14.51 -9.52 -13.26
CA LYS A 132 15.01 -8.32 -13.95
C LYS A 132 13.82 -7.41 -14.21
N ILE A 133 13.91 -6.15 -13.79
CA ILE A 133 12.80 -5.21 -13.99
C ILE A 133 12.74 -4.75 -15.43
N LEU A 134 11.63 -5.03 -16.11
CA LEU A 134 11.41 -4.63 -17.50
C LEU A 134 10.71 -3.27 -17.59
N SER A 135 9.83 -2.98 -16.64
CA SER A 135 9.06 -1.71 -16.64
C SER A 135 8.94 -1.15 -15.24
N PHE A 136 9.24 0.14 -15.12
CA PHE A 136 9.15 0.87 -13.86
C PHE A 136 7.84 1.67 -13.73
N GLN A 137 6.92 1.54 -14.69
CA GLN A 137 5.57 2.07 -14.49
C GLN A 137 4.87 1.15 -13.50
N TRP A 138 4.03 1.70 -12.64
CA TRP A 138 3.34 0.90 -11.64
C TRP A 138 2.07 0.27 -12.22
N PRO A 139 1.80 -1.01 -11.90
CA PRO A 139 2.58 -1.97 -11.17
C PRO A 139 3.75 -2.43 -12.02
N LEU A 140 4.89 -2.63 -11.39
CA LEU A 140 6.08 -3.04 -12.11
C LEU A 140 5.94 -4.41 -12.79
N ARG A 141 6.68 -4.57 -13.87
CA ARG A 141 6.80 -5.82 -14.59
C ARG A 141 8.24 -6.29 -14.54
N VAL A 142 8.40 -7.57 -14.20
CA VAL A 142 9.71 -8.18 -14.12
C VAL A 142 9.72 -9.47 -14.93
N LYS A 143 10.90 -9.93 -15.31
CA LYS A 143 11.02 -11.23 -15.93
C LYS A 143 12.04 -12.06 -15.20
N VAL A 144 11.85 -13.38 -15.30
CA VAL A 144 12.77 -14.37 -14.75
C VAL A 144 13.26 -15.20 -15.95
N ASP A 145 14.56 -15.17 -16.18
CA ASP A 145 15.17 -15.94 -17.29
C ASP A 145 15.21 -17.45 -16.98
N GLY B 11 -1.51 16.99 -6.05
CA GLY B 11 -1.86 17.97 -4.97
C GLY B 11 -3.16 18.70 -5.22
N SER B 12 -4.13 18.01 -5.83
CA SER B 12 -5.44 18.62 -6.10
C SER B 12 -6.50 18.01 -5.17
N LEU B 13 -7.32 18.85 -4.57
CA LEU B 13 -8.41 18.36 -3.72
C LEU B 13 -9.36 17.42 -4.50
N LEU B 14 -9.75 17.85 -5.69
CA LEU B 14 -10.68 17.04 -6.51
C LEU B 14 -10.08 15.72 -6.94
N ARG B 15 -8.80 15.75 -7.35
CA ARG B 15 -8.16 14.52 -7.80
C ARG B 15 -8.04 13.52 -6.67
N TRP B 16 -7.65 13.98 -5.48
CA TRP B 16 -7.59 13.09 -4.32
C TRP B 16 -8.97 12.54 -3.94
N TYR B 17 -10.00 13.36 -4.05
CA TYR B 17 -11.35 12.91 -3.80
C TYR B 17 -11.71 11.81 -4.79
N ASP B 18 -11.37 12.01 -6.06
CA ASP B 18 -11.64 11.00 -7.08
C ASP B 18 -10.95 9.68 -6.75
N VAL B 19 -9.70 9.76 -6.30
CA VAL B 19 -8.95 8.60 -5.90
C VAL B 19 -9.64 7.86 -4.77
N GLU B 21 -12.83 7.94 -3.89
CA GLU B 21 -14.08 7.35 -4.34
C GLU B 21 -13.79 6.12 -5.23
N ALA B 22 -12.80 6.23 -6.08
CA ALA B 22 -12.36 5.09 -6.91
C ALA B 22 -11.95 3.91 -6.03
N GLU B 23 -11.22 4.18 -4.95
CA GLU B 23 -10.78 3.11 -4.04
C GLU B 23 -11.98 2.30 -3.58
N ARG B 24 -13.06 2.99 -3.23
CA ARG B 24 -14.24 2.28 -2.78
C ARG B 24 -14.99 1.56 -3.89
N TYR B 25 -15.27 2.28 -4.98
CA TYR B 25 -16.16 1.74 -6.00
C TYR B 25 -15.45 1.00 -7.13
N GLU B 26 -14.13 1.13 -7.22
CA GLU B 26 -13.40 0.53 -8.33
C GLU B 26 -12.33 -0.44 -7.91
N TYR B 27 -11.53 -0.10 -6.89
CA TYR B 27 -10.38 -0.92 -6.55
C TYR B 27 -10.68 -1.95 -5.47
N THR B 28 -11.86 -1.85 -4.87
CA THR B 28 -12.36 -2.86 -3.92
C THR B 28 -13.21 -3.95 -4.60
N GLY B 30 -14.45 -7.18 -4.40
CA GLY B 30 -14.77 -8.56 -4.06
C GLY B 30 -15.35 -8.75 -2.66
N PRO B 31 -15.42 -10.01 -2.18
CA PRO B 31 -16.08 -10.32 -0.91
C PRO B 31 -15.46 -9.66 0.32
N ALA B 32 -14.14 -9.60 0.36
CA ALA B 32 -13.41 -9.02 1.49
C ALA B 32 -13.64 -7.51 1.52
N GLY B 33 -13.65 -6.90 0.35
CA GLY B 33 -13.88 -5.46 0.25
C GLY B 33 -15.27 -5.12 0.75
N GLU B 34 -16.23 -5.98 0.44
CA GLU B 34 -17.61 -5.81 0.88
C GLU B 34 -17.70 -5.96 2.41
N GLN B 35 -16.92 -6.86 2.99
CA GLN B 35 -16.86 -6.99 4.44
C GLN B 35 -16.30 -5.71 5.09
N PHE B 36 -15.31 -5.11 4.47
CA PHE B 36 -14.73 -3.87 4.98
C PHE B 36 -15.75 -2.74 4.98
N PHE B 37 -16.42 -2.53 3.85
CA PHE B 37 -17.41 -1.44 3.79
C PHE B 37 -18.65 -1.70 4.64
N ASN B 38 -19.08 -2.94 4.76
CA ASN B 38 -20.14 -3.25 5.74
C ASN B 38 -19.68 -3.01 7.18
N GLY B 39 -18.41 -3.26 7.46
CA GLY B 39 -17.83 -2.98 8.78
C GLY B 39 -17.96 -1.53 9.16
N LEU B 40 -17.64 -0.66 8.19
CA LEU B 40 -17.71 0.76 8.39
C LEU B 40 -19.10 1.22 8.83
N LYS B 41 -20.16 0.60 8.31
CA LYS B 41 -21.55 0.93 8.70
C LYS B 41 -21.83 0.64 10.18
N GLN B 42 -21.07 -0.28 10.76
CA GLN B 42 -21.17 -0.63 12.18
C GLN B 42 -20.07 0.05 13.02
N ASN B 43 -19.40 1.04 12.46
CA ASN B 43 -18.27 1.73 13.14
C ASN B 43 -17.14 0.77 13.54
N LYS B 44 -16.77 -0.09 12.62
CA LYS B 44 -15.71 -1.03 12.83
C LYS B 44 -14.74 -0.90 11.66
N ILE B 45 -13.48 -1.23 11.93
CA ILE B 45 -12.46 -1.36 10.90
C ILE B 45 -12.14 -2.85 10.79
N ILE B 46 -12.50 -3.42 9.64
CA ILE B 46 -12.37 -4.84 9.41
C ILE B 46 -11.20 -5.15 8.52
N GLY B 47 -10.30 -6.01 9.03
CA GLY B 47 -9.19 -6.55 8.26
C GLY B 47 -9.38 -8.03 7.98
N SER B 48 -8.39 -8.61 7.33
CA SER B 48 -8.39 -10.05 7.10
C SER B 48 -7.08 -10.63 7.59
N LYS B 49 -7.16 -11.87 8.08
CA LYS B 49 -6.01 -12.51 8.69
C LYS B 49 -5.63 -13.79 7.97
N CYS B 50 -4.40 -13.84 7.46
CA CYS B 50 -3.89 -15.05 6.79
C CYS B 50 -3.70 -16.20 7.78
N SER B 51 -4.35 -17.33 7.50
CA SER B 51 -4.18 -18.54 8.32
C SER B 51 -2.77 -19.15 8.19
N LYS B 52 -2.02 -18.78 7.15
CA LYS B 52 -0.71 -19.36 6.93
C LYS B 52 0.43 -18.61 7.62
N CYS B 53 0.51 -17.30 7.44
CA CYS B 53 1.58 -16.48 8.06
C CYS B 53 1.12 -15.63 9.24
N GLY B 54 -0.19 -15.52 9.44
CA GLY B 54 -0.71 -14.74 10.58
C GLY B 54 -0.76 -13.22 10.37
N ARG B 55 -0.31 -12.73 9.23
CA ARG B 55 -0.42 -11.31 8.96
C ARG B 55 -1.87 -10.88 8.86
N ILE B 56 -2.15 -9.68 9.36
CA ILE B 56 -3.46 -9.04 9.25
C ILE B 56 -3.36 -7.84 8.28
N PHE B 57 -4.31 -7.73 7.35
CA PHE B 57 -4.29 -6.69 6.30
C PHE B 57 -5.49 -5.77 6.45
N VAL B 58 -5.30 -4.47 6.28
CA VAL B 58 -6.39 -3.50 6.26
C VAL B 58 -6.24 -2.66 4.99
N PRO B 59 -7.33 -2.40 4.26
CA PRO B 59 -8.65 -2.97 4.44
C PRO B 59 -8.57 -4.44 4.21
N ALA B 60 -9.60 -5.17 4.65
CA ALA B 60 -9.66 -6.60 4.45
C ALA B 60 -9.43 -6.99 2.99
N ARG B 61 -8.67 -8.05 2.76
CA ARG B 61 -8.51 -8.58 1.41
C ARG B 61 -8.66 -10.08 1.36
N SER B 62 -8.98 -10.58 0.18
CA SER B 62 -9.27 -12.00 0.04
C SER B 62 -8.01 -12.85 -0.24
N TYR B 63 -6.88 -12.22 -0.54
CA TYR B 63 -5.60 -12.95 -0.70
C TYR B 63 -4.50 -12.35 0.11
N CYS B 64 -3.64 -13.22 0.63
CA CYS B 64 -2.49 -12.74 1.36
C CYS B 64 -1.46 -12.36 0.32
N GLU B 65 -0.88 -11.18 0.47
CA GLU B 65 0.08 -10.69 -0.53
C GLU B 65 1.51 -11.09 -0.26
N HIS B 66 1.70 -11.94 0.74
CA HIS B 66 2.96 -12.63 1.00
C HIS B 66 2.88 -14.10 0.67
N CYS B 67 1.82 -14.77 1.11
CA CYS B 67 1.66 -16.18 0.90
C CYS B 67 1.01 -16.53 -0.43
N PHE B 68 0.21 -15.60 -0.96
CA PHE B 68 -0.65 -15.83 -2.12
C PHE B 68 -1.67 -16.96 -1.97
N VAL B 69 -2.21 -17.10 -0.77
CA VAL B 69 -3.35 -18.00 -0.53
C VAL B 69 -4.60 -17.21 -0.15
N LYS B 70 -5.76 -17.84 -0.31
CA LYS B 70 -7.04 -17.20 0.00
C LYS B 70 -7.14 -16.98 1.51
N ILE B 71 -7.71 -15.84 1.88
CA ILE B 71 -8.01 -15.50 3.26
C ILE B 71 -9.53 -15.55 3.40
N GLU B 72 -9.97 -16.11 4.51
CA GLU B 72 -11.37 -16.36 4.79
CA GLU B 72 -11.38 -16.34 4.78
C GLU B 72 -11.80 -15.71 6.11
N ASN B 73 -10.81 -15.29 6.89
CA ASN B 73 -10.98 -14.90 8.26
C ASN B 73 -10.92 -13.38 8.40
N TYR B 74 -12.05 -12.77 8.72
CA TYR B 74 -12.17 -11.31 8.89
C TYR B 74 -12.03 -10.98 10.33
N VAL B 75 -11.24 -9.94 10.64
CA VAL B 75 -10.99 -9.55 12.02
C VAL B 75 -11.24 -8.06 12.26
N GLU B 76 -11.67 -7.73 13.47
CA GLU B 76 -11.82 -6.32 13.84
CA GLU B 76 -11.81 -6.33 13.85
C GLU B 76 -10.48 -5.75 14.30
N ILE B 77 -10.08 -4.64 13.69
CA ILE B 77 -8.85 -3.94 14.03
C ILE B 77 -9.16 -2.99 15.18
N ASN B 78 -8.20 -2.79 16.08
CA ASN B 78 -8.39 -1.88 17.19
C ASN B 78 -8.33 -0.43 16.71
N LYS B 79 -9.51 0.13 16.48
CA LYS B 79 -9.67 1.52 16.04
C LYS B 79 -9.03 2.56 16.97
N ASP B 80 -8.78 2.24 18.23
CA ASP B 80 -8.18 3.21 19.15
C ASP B 80 -6.65 3.25 19.02
N GLU B 81 -6.08 2.42 18.14
CA GLU B 81 -4.62 2.38 17.94
C GLU B 81 -4.14 3.00 16.61
N ALA B 82 -5.01 3.73 15.94
CA ALA B 82 -4.66 4.37 14.68
C ALA B 82 -3.58 5.44 14.88
N TYR B 83 -2.65 5.51 13.94
CA TYR B 83 -1.64 6.57 13.91
C TYR B 83 -1.38 7.06 12.49
N VAL B 84 -0.77 8.23 12.40
CA VAL B 84 -0.50 8.83 11.11
C VAL B 84 0.83 8.28 10.60
N ASP B 85 0.76 7.54 9.51
CA ASP B 85 1.92 6.92 8.90
C ASP B 85 2.61 7.89 8.00
N SER B 86 1.81 8.69 7.27
CA SER B 86 2.33 9.63 6.31
C SER B 86 1.20 10.55 5.91
N TYR B 87 1.54 11.66 5.26
CA TYR B 87 0.51 12.60 4.80
C TYR B 87 1.05 13.56 3.76
N THR B 88 0.15 14.02 2.92
CA THR B 88 0.41 15.06 1.93
C THR B 88 -0.43 16.26 2.31
N ILE B 89 0.18 17.44 2.31
CA ILE B 89 -0.55 18.68 2.56
C ILE B 89 -0.93 19.31 1.24
N ILE B 90 -2.20 19.69 1.12
CA ILE B 90 -2.66 20.42 -0.06
C ILE B 90 -2.88 21.87 0.38
N TYR B 91 -2.27 22.79 -0.36
CA TYR B 91 -2.20 24.18 0.05
C TYR B 91 -3.13 25.09 -0.71
N ASN B 92 -3.62 24.61 -1.86
CA ASN B 92 -4.41 25.42 -2.76
C ASN B 92 -5.75 24.76 -3.06
N ASP B 93 -6.76 25.57 -3.31
CA ASP B 93 -8.04 25.03 -3.78
C ASP B 93 -7.93 24.77 -5.27
N ASP B 94 -8.98 24.23 -5.85
CA ASP B 94 -8.96 23.83 -7.23
C ASP B 94 -9.20 24.98 -8.20
N GLU B 95 -9.39 26.20 -7.69
CA GLU B 95 -9.25 27.40 -8.50
C GLU B 95 -7.84 27.98 -8.44
N GLY B 96 -6.95 27.31 -7.71
CA GLY B 96 -5.56 27.75 -7.62
C GLY B 96 -5.30 28.78 -6.52
N ASN B 97 -6.33 29.16 -5.76
CA ASN B 97 -6.19 30.10 -4.64
C ASN B 97 -5.59 29.38 -3.42
N LYS B 98 -4.76 30.07 -2.65
CA LYS B 98 -4.20 29.49 -1.42
C LYS B 98 -5.32 29.27 -0.41
N LEU B 99 -5.29 28.14 0.27
CA LEU B 99 -6.21 27.89 1.35
C LEU B 99 -5.77 28.57 2.64
N ALA B 100 -6.74 29.12 3.37
CA ALA B 100 -6.46 29.63 4.71
C ALA B 100 -6.09 28.51 5.63
N GLN B 101 -6.71 27.34 5.43
CA GLN B 101 -6.44 26.15 6.22
C GLN B 101 -6.03 25.00 5.31
N PRO B 102 -4.72 24.70 5.26
CA PRO B 102 -4.31 23.60 4.40
C PRO B 102 -5.00 22.27 4.76
N VAL B 103 -5.18 21.42 3.76
CA VAL B 103 -5.90 20.14 3.91
C VAL B 103 -4.88 19.01 3.93
N TYR B 104 -5.16 17.97 4.72
CA TYR B 104 -4.25 16.84 4.84
C TYR B 104 -4.93 15.57 4.31
N ILE B 105 -4.25 14.93 3.38
CA ILE B 105 -4.57 13.59 2.97
C ILE B 105 -3.57 12.69 3.69
N ALA B 106 -4.06 11.79 4.53
CA ALA B 106 -3.21 10.98 5.35
C ALA B 106 -3.39 9.50 5.06
N LEU B 107 -2.34 8.75 5.34
CA LEU B 107 -2.45 7.29 5.44
C LEU B 107 -2.39 6.96 6.89
N ILE B 108 -3.48 6.38 7.43
CA ILE B 108 -3.46 5.93 8.79
C ILE B 108 -3.19 4.42 8.84
N ARG B 109 -2.40 4.05 9.83
CA ARG B 109 -2.00 2.65 10.04
C ARG B 109 -2.26 2.26 11.48
N PHE B 110 -2.07 0.96 11.78
CA PHE B 110 -2.33 0.39 13.09
C PHE B 110 -1.14 -0.53 13.38
N PRO B 111 -0.66 -0.57 14.64
CA PRO B 111 0.49 -1.43 14.97
C PRO B 111 0.24 -2.87 14.62
N ASN B 112 1.22 -3.49 13.95
CA ASN B 112 1.19 -4.92 13.63
C ASN B 112 0.15 -5.32 12.59
N ILE B 113 -0.34 -4.34 11.84
CA ILE B 113 -1.31 -4.58 10.79
C ILE B 113 -0.71 -4.03 9.52
N GLU B 114 -0.71 -4.86 8.47
CA GLU B 114 -0.23 -4.46 7.17
C GLU B 114 -1.24 -3.56 6.47
N GLY B 115 -0.73 -2.63 5.67
CA GLY B 115 -1.59 -1.77 4.87
C GLY B 115 -1.99 -0.55 5.68
N GLY B 116 -2.88 0.23 5.12
CA GLY B 116 -3.37 1.43 5.77
C GLY B 116 -4.60 1.97 5.08
N LEU B 117 -5.17 3.01 5.68
CA LEU B 117 -6.39 3.65 5.19
C LEU B 117 -6.11 5.07 4.78
N LEU B 118 -6.50 5.40 3.55
CA LEU B 118 -6.42 6.78 3.07
C LEU B 118 -7.54 7.51 3.79
N CYS B 119 -7.26 8.71 4.25
CA CYS B 119 -8.29 9.51 4.88
CA CYS B 119 -8.21 9.51 5.04
C CYS B 119 -7.93 11.00 4.86
N TYR B 120 -8.92 11.82 5.18
CA TYR B 120 -8.71 13.23 5.47
C TYR B 120 -8.35 13.34 6.95
N ALA B 121 -7.36 14.16 7.27
CA ALA B 121 -6.94 14.37 8.64
C ALA B 121 -6.97 15.83 9.00
N GLU B 122 -7.37 16.12 10.21
CA GLU B 122 -7.34 17.48 10.70
C GLU B 122 -6.70 17.58 12.09
N GLY B 123 -6.27 18.79 12.42
CA GLY B 123 -5.64 19.07 13.70
C GLY B 123 -4.14 19.19 13.53
N ASN B 124 -3.41 18.76 14.55
CA ASN B 124 -1.96 18.86 14.57
CA ASN B 124 -1.95 18.86 14.56
C ASN B 124 -1.36 17.60 13.95
N VAL B 125 -1.52 17.48 12.64
CA VAL B 125 -1.11 16.30 11.90
C VAL B 125 0.41 16.21 11.79
N LYS B 126 0.97 15.14 12.34
CA LYS B 126 2.41 14.85 12.33
C LYS B 126 2.58 13.35 12.26
N VAL B 127 3.65 12.87 11.63
CA VAL B 127 3.81 11.43 11.52
C VAL B 127 3.97 10.83 12.89
N GLY B 128 3.40 9.65 13.09
CA GLY B 128 3.42 8.97 14.36
C GLY B 128 2.33 9.40 15.33
N ALA B 129 1.64 10.50 15.08
CA ALA B 129 0.61 10.99 16.01
C ALA B 129 -0.62 10.10 16.00
N LYS B 130 -1.23 9.93 17.18
CA LYS B 130 -2.48 9.17 17.33
CA LYS B 130 -2.45 9.14 17.28
C LYS B 130 -3.60 9.86 16.56
N ALA B 131 -4.43 9.06 15.89
CA ALA B 131 -5.52 9.59 15.07
C ALA B 131 -6.85 9.01 15.55
N LYS B 132 -7.81 9.87 15.80
CA LYS B 132 -9.14 9.40 16.24
C LYS B 132 -10.05 9.47 15.03
N ILE B 133 -10.77 8.41 14.75
CA ILE B 133 -11.65 8.38 13.59
C ILE B 133 -12.91 9.14 13.97
N LEU B 134 -13.22 10.19 13.21
CA LEU B 134 -14.41 10.99 13.45
C LEU B 134 -15.62 10.47 12.70
N SER B 135 -15.38 10.01 11.47
CA SER B 135 -16.42 9.60 10.54
C SER B 135 -16.03 8.23 9.99
N PHE B 136 -16.95 7.28 10.08
CA PHE B 136 -16.78 5.97 9.41
C PHE B 136 -17.40 5.92 8.01
N GLN B 137 -18.01 7.00 7.58
CA GLN B 137 -18.48 7.08 6.21
C GLN B 137 -17.24 7.27 5.38
N TRP B 138 -17.18 6.55 4.26
CA TRP B 138 -16.04 6.72 3.34
C TRP B 138 -16.30 7.96 2.44
N PRO B 139 -15.29 8.82 2.21
CA PRO B 139 -13.92 8.84 2.69
C PRO B 139 -13.85 9.21 4.16
N LEU B 140 -13.01 8.48 4.86
CA LEU B 140 -12.90 8.59 6.31
C LEU B 140 -12.27 9.93 6.69
N ARG B 141 -12.57 10.38 7.91
CA ARG B 141 -12.01 11.60 8.48
C ARG B 141 -11.49 11.29 9.87
N VAL B 142 -10.29 11.77 10.13
CA VAL B 142 -9.68 11.62 11.42
C VAL B 142 -9.20 12.97 11.94
N LYS B 143 -9.09 13.00 13.25
CA LYS B 143 -8.54 14.13 13.97
C LYS B 143 -7.30 13.72 14.74
N VAL B 144 -6.31 14.60 14.70
CA VAL B 144 -5.05 14.40 15.41
C VAL B 144 -4.94 15.54 16.42
N ASP B 145 -4.88 15.21 17.70
CA ASP B 145 -4.67 16.23 18.73
C ASP B 145 -3.18 16.57 18.87
#